data_6HM0
#
_entry.id   6HM0
#
_cell.length_a   38.840
_cell.length_b   59.820
_cell.length_c   60.340
_cell.angle_alpha   90.000
_cell.angle_beta   108.750
_cell.angle_gamma   90.000
#
_symmetry.space_group_name_H-M   'P 1 21 1'
#
loop_
_entity.id
_entity.type
_entity.pdbx_description
1 polymer 'Bromodomain-containing protein 9'
2 non-polymer (2~{S},4~{S})-1-[(2~{S})-2-[2-[2-[2-[4-[[2,6-dimethoxy-4-(2-methyl-1-oxidanylidene-2,7-naphthyridin-4-yl)phenyl]methyl]piperazin-1-yl]ethoxy]ethoxy]ethanoylamino]-3,3-dimethyl-butanoyl]-~{N}-[[4-(4-methyl-1,3-thiazol-5-yl)phenyl]methyl]-4-oxidanyl-pyrrolidine-2-carboxamide
3 water water
#
_entity_poly.entity_id   1
_entity_poly.type   'polypeptide(L)'
_entity_poly.pdbx_seq_one_letter_code
;SMLKLSAENESTPIQQLLEHFLRQLQRKDPHGFFAFPVTDAIAPGYSMIIKHPMDFGTMKDKIVANEYKSVTEFKADFKL
MCDNAMTYNRPDTVYYKLAKKILHAGFKMMSKERLLALKRSMS
;
_entity_poly.pdbx_strand_id   A,B
#
# COMPACT_ATOMS: atom_id res chain seq x y z
N SER A 11 33.09 9.25 -4.48
CA SER A 11 31.87 9.35 -3.60
C SER A 11 30.91 10.43 -4.15
N THR A 12 29.86 10.01 -4.85
CA THR A 12 28.99 10.91 -5.62
C THR A 12 28.09 11.73 -4.70
N PRO A 13 27.53 12.87 -5.19
CA PRO A 13 26.65 13.71 -4.39
C PRO A 13 25.44 12.95 -3.82
N ILE A 14 24.79 12.14 -4.66
CA ILE A 14 23.64 11.41 -4.27
C ILE A 14 24.01 10.45 -3.12
N GLN A 15 25.16 9.79 -3.21
CA GLN A 15 25.62 8.91 -2.17
C GLN A 15 25.71 9.67 -0.85
N GLN A 16 26.32 10.85 -0.88
CA GLN A 16 26.53 11.64 0.32
C GLN A 16 25.18 12.05 0.91
N LEU A 17 24.24 12.45 0.06
CA LEU A 17 22.92 12.86 0.51
C LEU A 17 22.17 11.69 1.17
N LEU A 18 22.20 10.51 0.55
CA LEU A 18 21.42 9.37 1.06
C LEU A 18 22.02 8.86 2.38
N GLU A 19 23.35 8.93 2.50
CA GLU A 19 24.06 8.58 3.73
C GLU A 19 23.50 9.46 4.86
N HIS A 20 23.37 10.77 4.59
CA HIS A 20 22.86 11.73 5.56
C HIS A 20 21.43 11.34 5.97
N PHE A 21 20.55 11.11 4.99
CA PHE A 21 19.17 10.73 5.27
C PHE A 21 19.14 9.45 6.10
N LEU A 22 19.96 8.46 5.73
CA LEU A 22 20.00 7.20 6.40
C LEU A 22 20.44 7.35 7.86
N ARG A 23 21.46 8.19 8.11
CA ARG A 23 21.96 8.43 9.48
C ARG A 23 20.85 9.06 10.35
N GLN A 24 20.07 9.96 9.76
CA GLN A 24 18.99 10.61 10.49
C GLN A 24 17.88 9.58 10.82
N LEU A 25 17.59 8.69 9.88
CA LEU A 25 16.52 7.71 10.06
C LEU A 25 16.94 6.64 11.10
N GLN A 26 18.18 6.16 11.04
CA GLN A 26 18.65 5.15 11.97
C GLN A 26 18.63 5.68 13.40
N ARG A 27 18.74 7.00 13.59
CA ARG A 27 18.71 7.58 14.93
C ARG A 27 17.33 7.42 15.58
N LYS A 28 16.27 7.20 14.80
CA LYS A 28 14.92 7.06 15.36
C LYS A 28 14.60 5.60 15.70
N ASP A 29 15.58 4.71 15.48
CA ASP A 29 15.46 3.29 15.76
C ASP A 29 16.56 2.85 16.73
N PRO A 30 16.55 3.33 18.00
CA PRO A 30 17.65 3.04 18.93
C PRO A 30 17.85 1.56 19.26
N HIS A 31 16.77 0.76 19.18
CA HIS A 31 16.82 -0.67 19.53
C HIS A 31 17.30 -1.53 18.35
N GLY A 32 17.48 -0.93 17.15
CA GLY A 32 18.05 -1.63 15.99
C GLY A 32 17.09 -2.64 15.36
N PHE A 33 15.78 -2.41 15.47
CA PHE A 33 14.79 -3.31 14.95
C PHE A 33 14.80 -3.30 13.41
N PHE A 34 15.23 -2.19 12.82
CA PHE A 34 15.27 -2.04 11.36
C PHE A 34 16.71 -2.07 10.86
N ALA A 35 17.68 -2.47 11.70
CA ALA A 35 19.12 -2.37 11.34
C ALA A 35 19.50 -3.50 10.38
N PHE A 36 18.99 -4.71 10.63
CA PHE A 36 19.35 -5.92 9.90
C PHE A 36 18.09 -6.67 9.51
N PRO A 37 18.17 -7.67 8.61
CA PRO A 37 17.00 -8.43 8.19
C PRO A 37 16.32 -9.19 9.35
N VAL A 38 14.98 -9.18 9.39
CA VAL A 38 14.20 -9.98 10.30
C VAL A 38 14.35 -11.45 9.92
N THR A 39 14.70 -12.31 10.89
CA THR A 39 14.84 -13.77 10.64
C THR A 39 13.60 -14.50 11.15
N ASP A 40 13.35 -15.68 10.56
CA ASP A 40 12.28 -16.57 10.99
C ASP A 40 12.52 -17.06 12.42
N ALA A 41 13.77 -17.03 12.87
CA ALA A 41 14.09 -17.44 14.24
C ALA A 41 13.45 -16.50 15.27
N ILE A 42 13.37 -15.20 14.97
CA ILE A 42 12.89 -14.24 15.95
C ILE A 42 11.48 -13.78 15.60
N ALA A 43 11.02 -14.11 14.39
CA ALA A 43 9.71 -13.70 13.88
C ALA A 43 9.10 -14.87 13.12
N PRO A 44 8.42 -15.81 13.81
CA PRO A 44 7.99 -17.05 13.16
C PRO A 44 7.09 -16.78 11.95
N GLY A 45 7.35 -17.51 10.86
CA GLY A 45 6.60 -17.45 9.63
C GLY A 45 6.87 -16.19 8.80
N TYR A 46 7.81 -15.33 9.22
CA TYR A 46 8.06 -14.04 8.57
C TYR A 46 8.23 -14.21 7.05
N SER A 47 9.09 -15.13 6.65
CA SER A 47 9.47 -15.30 5.24
C SER A 47 8.32 -15.88 4.41
N MET A 48 7.33 -16.50 5.06
CA MET A 48 6.13 -16.98 4.36
C MET A 48 5.12 -15.83 4.13
N ILE A 49 5.31 -14.70 4.83
CA ILE A 49 4.36 -13.57 4.77
C ILE A 49 4.98 -12.41 3.97
N ILE A 50 6.25 -12.09 4.23
CA ILE A 50 6.92 -10.97 3.59
C ILE A 50 7.78 -11.50 2.42
N LYS A 51 7.40 -11.08 1.20
CA LYS A 51 8.02 -11.57 -0.05
C LYS A 51 9.28 -10.76 -0.38
N HIS A 52 9.33 -9.47 -0.03
CA HIS A 52 10.46 -8.57 -0.35
C HIS A 52 10.94 -7.87 0.92
N PRO A 53 11.76 -8.56 1.74
CA PRO A 53 12.28 -7.96 2.97
C PRO A 53 13.22 -6.78 2.66
N MET A 54 13.22 -5.78 3.53
CA MET A 54 14.08 -4.62 3.40
C MET A 54 14.48 -4.15 4.80
N ASP A 55 15.64 -3.51 4.89
CA ASP A 55 16.19 -3.06 6.17
C ASP A 55 17.26 -1.99 5.91
N PHE A 56 17.53 -1.18 6.92
CA PHE A 56 18.55 -0.13 6.82
C PHE A 56 19.89 -0.70 6.32
N GLY A 57 20.29 -1.85 6.85
CA GLY A 57 21.59 -2.52 6.48
C GLY A 57 21.69 -2.75 4.97
N THR A 58 20.62 -3.32 4.40
CA THR A 58 20.54 -3.59 2.97
C THR A 58 20.55 -2.27 2.19
N MET A 59 19.90 -1.24 2.73
CA MET A 59 19.84 0.07 2.07
C MET A 59 21.23 0.72 2.06
N LYS A 60 21.97 0.58 3.15
CA LYS A 60 23.31 1.08 3.29
C LYS A 60 24.21 0.49 2.19
N ASP A 61 24.11 -0.82 2.00
CA ASP A 61 24.96 -1.53 1.09
C ASP A 61 24.71 -1.01 -0.34
N LYS A 62 23.45 -0.69 -0.65
CA LYS A 62 23.07 -0.22 -1.96
C LYS A 62 23.60 1.19 -2.20
N ILE A 63 23.70 2.00 -1.13
CA ILE A 63 24.25 3.34 -1.25
C ILE A 63 25.74 3.24 -1.62
N VAL A 64 26.47 2.43 -0.87
CA VAL A 64 27.87 2.16 -1.07
C VAL A 64 28.09 1.66 -2.50
N ALA A 65 27.22 0.77 -2.99
CA ALA A 65 27.39 0.17 -4.34
C ALA A 65 26.85 1.11 -5.43
N ASN A 66 26.29 2.27 -5.04
CA ASN A 66 25.85 3.31 -5.97
C ASN A 66 24.65 2.83 -6.81
N GLU A 67 23.68 2.21 -6.17
CA GLU A 67 22.57 1.55 -6.85
C GLU A 67 21.35 2.48 -6.93
N TYR A 68 21.31 3.55 -6.14
CA TYR A 68 20.16 4.46 -6.12
C TYR A 68 20.44 5.63 -7.07
N LYS A 69 19.55 5.84 -8.06
CA LYS A 69 19.70 6.89 -9.10
C LYS A 69 19.03 8.19 -8.68
N SER A 70 18.13 8.11 -7.69
CA SER A 70 17.35 9.23 -7.27
C SER A 70 16.99 9.07 -5.78
N VAL A 71 16.49 10.16 -5.20
CA VAL A 71 15.86 10.15 -3.88
C VAL A 71 14.61 9.25 -3.90
N THR A 72 13.79 9.42 -4.94
CA THR A 72 12.59 8.58 -5.19
C THR A 72 12.85 7.08 -4.92
N GLU A 73 13.95 6.55 -5.46
CA GLU A 73 14.21 5.10 -5.40
C GLU A 73 14.57 4.69 -3.98
N PHE A 74 15.24 5.58 -3.26
CA PHE A 74 15.65 5.37 -1.90
C PHE A 74 14.40 5.37 -1.00
N LYS A 75 13.54 6.36 -1.20
CA LYS A 75 12.26 6.49 -0.49
C LYS A 75 11.38 5.24 -0.69
N ALA A 76 11.33 4.69 -1.91
CA ALA A 76 10.59 3.46 -2.21
C ALA A 76 11.06 2.30 -1.31
N ASP A 77 12.39 2.15 -1.16
CA ASP A 77 12.97 1.06 -0.32
C ASP A 77 12.60 1.30 1.15
N PHE A 78 12.60 2.58 1.54
CA PHE A 78 12.25 2.96 2.89
C PHE A 78 10.76 2.65 3.18
N LYS A 79 9.91 2.97 2.22
CA LYS A 79 8.49 2.69 2.33
C LYS A 79 8.26 1.16 2.40
N LEU A 80 8.95 0.38 1.58
CA LEU A 80 8.83 -1.08 1.54
C LEU A 80 9.08 -1.64 2.96
N MET A 81 10.12 -1.13 3.61
CA MET A 81 10.52 -1.51 4.94
C MET A 81 9.40 -1.29 5.97
N CYS A 82 8.74 -0.12 5.92
CA CYS A 82 7.70 0.23 6.87
C CYS A 82 6.42 -0.56 6.56
N ASP A 83 6.12 -0.72 5.27
CA ASP A 83 4.94 -1.45 4.83
C ASP A 83 5.09 -2.93 5.24
N ASN A 84 6.31 -3.46 5.18
CA ASN A 84 6.55 -4.84 5.59
C ASN A 84 6.20 -4.98 7.08
N ALA A 85 6.64 -4.01 7.89
CA ALA A 85 6.41 -4.04 9.34
C ALA A 85 4.91 -3.98 9.64
N MET A 86 4.16 -3.21 8.83
CA MET A 86 2.75 -2.94 9.10
C MET A 86 1.87 -4.06 8.50
N THR A 87 2.49 -5.01 7.79
CA THR A 87 1.82 -6.16 7.20
C THR A 87 1.98 -7.37 8.13
N TYR A 88 3.24 -7.66 8.54
CA TYR A 88 3.53 -8.80 9.39
C TYR A 88 3.01 -8.60 10.83
N ASN A 89 3.15 -7.38 11.37
CA ASN A 89 2.84 -7.11 12.76
C ASN A 89 1.39 -6.61 12.93
N ARG A 90 0.77 -6.98 14.04
CA ARG A 90 -0.50 -6.43 14.45
C ARG A 90 -0.32 -4.98 14.85
N PRO A 91 -1.39 -4.16 14.74
CA PRO A 91 -1.33 -2.73 15.07
C PRO A 91 -0.78 -2.38 16.46
N ASP A 92 -1.12 -3.18 17.46
CA ASP A 92 -0.81 -2.84 18.84
C ASP A 92 0.57 -3.36 19.25
N THR A 93 1.53 -3.45 18.32
CA THR A 93 2.91 -3.87 18.62
C THR A 93 3.87 -2.68 18.49
N VAL A 94 5.07 -2.83 19.09
CA VAL A 94 6.12 -1.82 19.02
C VAL A 94 6.60 -1.66 17.57
N TYR A 95 6.70 -2.75 16.81
CA TYR A 95 7.25 -2.71 15.45
C TYR A 95 6.31 -1.94 14.53
N TYR A 96 5.01 -2.19 14.68
CA TYR A 96 3.99 -1.50 13.88
C TYR A 96 4.01 0.01 14.16
N LYS A 97 4.10 0.37 15.44
CA LYS A 97 4.01 1.78 15.84
C LYS A 97 5.28 2.53 15.42
N LEU A 98 6.43 1.89 15.56
CA LEU A 98 7.69 2.54 15.20
C LEU A 98 7.79 2.72 13.67
N ALA A 99 7.28 1.74 12.93
CA ALA A 99 7.27 1.80 11.46
C ALA A 99 6.47 3.02 10.97
N LYS A 100 5.30 3.26 11.61
CA LYS A 100 4.45 4.36 11.25
C LYS A 100 5.16 5.70 11.54
N LYS A 101 5.68 5.82 12.76
CA LYS A 101 6.35 7.02 13.24
C LYS A 101 7.53 7.37 12.30
N ILE A 102 8.38 6.39 12.03
CA ILE A 102 9.55 6.58 11.19
C ILE A 102 9.14 6.90 9.74
N LEU A 103 8.14 6.21 9.21
CA LEU A 103 7.63 6.49 7.84
C LEU A 103 7.30 7.98 7.72
N HIS A 104 6.50 8.50 8.67
CA HIS A 104 6.02 9.89 8.64
C HIS A 104 7.20 10.88 8.73
N ALA A 105 8.15 10.59 9.62
CA ALA A 105 9.31 11.48 9.82
C ALA A 105 10.27 11.40 8.62
N GLY A 106 10.42 10.22 8.02
CA GLY A 106 11.20 10.02 6.78
C GLY A 106 10.68 10.87 5.63
N PHE A 107 9.37 10.79 5.41
CA PHE A 107 8.74 11.44 4.26
C PHE A 107 8.66 12.95 4.47
N LYS A 108 8.59 13.41 5.71
CA LYS A 108 8.70 14.84 6.04
C LYS A 108 10.11 15.33 5.70
N MET A 109 11.13 14.62 6.20
CA MET A 109 12.54 14.94 5.97
C MET A 109 12.87 14.99 4.46
N MET A 110 12.26 14.09 3.69
CA MET A 110 12.62 13.94 2.27
C MET A 110 11.47 14.38 1.37
N SER A 111 10.71 15.40 1.81
CA SER A 111 9.56 15.90 1.06
C SER A 111 10.00 16.62 -0.22
N LYS A 112 9.08 16.63 -1.19
CA LYS A 112 9.22 17.38 -2.41
C LYS A 112 9.54 18.85 -2.10
N GLU A 113 8.88 19.42 -1.08
CA GLU A 113 8.97 20.86 -0.79
C GLU A 113 10.33 21.23 -0.19
N ARG A 114 10.89 20.34 0.65
CA ARG A 114 12.21 20.58 1.23
C ARG A 114 13.31 20.41 0.16
N LEU A 115 13.16 19.41 -0.70
CA LEU A 115 14.07 19.16 -1.80
C LEU A 115 14.08 20.35 -2.76
N LEU A 116 12.90 20.94 -3.01
CA LEU A 116 12.80 22.09 -3.90
C LEU A 116 13.54 23.31 -3.32
N ALA A 117 13.38 23.60 -2.02
CA ALA A 117 14.07 24.75 -1.39
C ALA A 117 15.59 24.59 -1.56
N LEU A 118 16.07 23.35 -1.38
CA LEU A 118 17.47 23.02 -1.55
C LEU A 118 17.91 23.29 -2.99
N LYS A 119 17.10 22.82 -3.95
CA LYS A 119 17.32 23.05 -5.38
C LYS A 119 17.57 24.54 -5.64
N ARG A 120 16.74 25.40 -5.07
CA ARG A 120 16.70 26.85 -5.40
C ARG A 120 17.93 27.60 -4.86
N SER A 121 18.57 27.05 -3.83
CA SER A 121 19.70 27.72 -3.18
C SER A 121 21.05 27.25 -3.76
N MET A 122 21.02 26.19 -4.58
CA MET A 122 22.20 25.74 -5.32
C MET A 122 22.28 26.43 -6.68
N SER B 11 -33.82 -7.79 2.56
CA SER B 11 -32.68 -8.10 1.61
C SER B 11 -33.21 -8.23 0.18
N THR B 12 -33.07 -7.17 -0.62
CA THR B 12 -33.49 -7.17 -2.04
C THR B 12 -32.56 -8.05 -2.87
N PRO B 13 -33.00 -8.53 -4.07
CA PRO B 13 -32.17 -9.37 -4.92
C PRO B 13 -30.81 -8.75 -5.26
N ILE B 14 -30.82 -7.48 -5.64
CA ILE B 14 -29.61 -6.78 -6.00
C ILE B 14 -28.64 -6.78 -4.81
N GLN B 15 -29.14 -6.53 -3.60
CA GLN B 15 -28.32 -6.53 -2.40
C GLN B 15 -27.64 -7.90 -2.25
N GLN B 16 -28.42 -8.97 -2.41
CA GLN B 16 -27.89 -10.34 -2.26
C GLN B 16 -26.79 -10.58 -3.30
N LEU B 17 -27.01 -10.14 -4.54
CA LEU B 17 -26.03 -10.36 -5.61
C LEU B 17 -24.72 -9.59 -5.34
N LEU B 18 -24.82 -8.33 -4.91
CA LEU B 18 -23.63 -7.48 -4.71
C LEU B 18 -22.83 -7.98 -3.49
N GLU B 19 -23.54 -8.46 -2.45
CA GLU B 19 -22.91 -9.03 -1.29
C GLU B 19 -22.05 -10.20 -1.72
N HIS B 20 -22.59 -11.04 -2.62
CA HIS B 20 -21.88 -12.21 -3.14
C HIS B 20 -20.60 -11.75 -3.86
N PHE B 21 -20.74 -10.77 -4.77
CA PHE B 21 -19.57 -10.25 -5.51
C PHE B 21 -18.53 -9.72 -4.52
N LEU B 22 -19.00 -8.98 -3.51
CA LEU B 22 -18.12 -8.34 -2.56
C LEU B 22 -17.34 -9.39 -1.77
N ARG B 23 -18.03 -10.46 -1.33
CA ARG B 23 -17.41 -11.52 -0.54
C ARG B 23 -16.36 -12.26 -1.36
N GLN B 24 -16.61 -12.44 -2.66
CA GLN B 24 -15.64 -13.10 -3.52
C GLN B 24 -14.37 -12.24 -3.66
N LEU B 25 -14.56 -10.93 -3.76
CA LEU B 25 -13.43 -10.05 -3.98
C LEU B 25 -12.62 -9.90 -2.68
N GLN B 26 -13.27 -9.77 -1.54
CA GLN B 26 -12.59 -9.64 -0.25
C GLN B 26 -11.75 -10.88 0.05
N ARG B 27 -12.11 -12.04 -0.50
CA ARG B 27 -11.34 -13.25 -0.28
C ARG B 27 -9.95 -13.15 -0.92
N LYS B 28 -9.75 -12.28 -1.91
CA LYS B 28 -8.45 -12.16 -2.57
C LYS B 28 -7.54 -11.15 -1.86
N ASP B 29 -8.03 -10.55 -0.78
CA ASP B 29 -7.33 -9.53 -0.01
C ASP B 29 -7.24 -9.98 1.44
N PRO B 30 -6.49 -11.06 1.76
CA PRO B 30 -6.49 -11.63 3.10
C PRO B 30 -5.92 -10.69 4.18
N HIS B 31 -5.05 -9.76 3.79
CA HIS B 31 -4.39 -8.83 4.71
C HIS B 31 -5.28 -7.59 5.00
N GLY B 32 -6.40 -7.44 4.30
CA GLY B 32 -7.34 -6.35 4.54
C GLY B 32 -6.83 -4.97 4.10
N PHE B 33 -6.00 -4.91 3.06
CA PHE B 33 -5.46 -3.64 2.57
C PHE B 33 -6.57 -2.79 1.94
N PHE B 34 -7.61 -3.46 1.42
CA PHE B 34 -8.73 -2.77 0.78
C PHE B 34 -9.99 -2.81 1.68
N ALA B 35 -9.84 -3.20 2.95
CA ALA B 35 -10.99 -3.36 3.86
C ALA B 35 -11.50 -2.00 4.35
N PHE B 36 -10.58 -1.06 4.64
CA PHE B 36 -10.93 0.21 5.26
C PHE B 36 -10.27 1.36 4.51
N PRO B 37 -10.70 2.62 4.74
CA PRO B 37 -10.13 3.78 4.05
C PRO B 37 -8.64 3.99 4.36
N VAL B 38 -7.85 4.30 3.32
CA VAL B 38 -6.43 4.60 3.49
C VAL B 38 -6.29 5.98 4.13
N THR B 39 -5.53 6.10 5.22
CA THR B 39 -5.32 7.38 5.94
C THR B 39 -3.92 7.93 5.61
N ASP B 40 -3.74 9.24 5.81
CA ASP B 40 -2.44 9.89 5.64
C ASP B 40 -1.43 9.36 6.69
N ALA B 41 -1.94 8.82 7.80
CA ALA B 41 -1.08 8.26 8.83
C ALA B 41 -0.31 7.02 8.31
N ILE B 42 -0.91 6.25 7.41
CA ILE B 42 -0.36 4.99 6.96
C ILE B 42 0.24 5.15 5.56
N ALA B 43 -0.18 6.21 4.86
CA ALA B 43 0.16 6.44 3.47
C ALA B 43 0.43 7.93 3.28
N PRO B 44 1.68 8.39 3.51
CA PRO B 44 1.96 9.83 3.49
C PRO B 44 1.54 10.51 2.18
N GLY B 45 0.87 11.66 2.28
CA GLY B 45 0.44 12.45 1.14
C GLY B 45 -0.76 11.87 0.39
N TYR B 46 -1.36 10.79 0.92
CA TYR B 46 -2.42 10.07 0.19
C TYR B 46 -3.54 11.03 -0.24
N SER B 47 -4.01 11.85 0.71
CA SER B 47 -5.16 12.72 0.47
C SER B 47 -4.82 13.87 -0.49
N MET B 48 -3.53 14.16 -0.68
CA MET B 48 -3.11 15.16 -1.67
C MET B 48 -3.11 14.55 -3.09
N ILE B 49 -3.17 13.23 -3.21
CA ILE B 49 -3.08 12.54 -4.49
C ILE B 49 -4.47 11.98 -4.87
N ILE B 50 -5.15 11.33 -3.93
CA ILE B 50 -6.42 10.66 -4.19
C ILE B 50 -7.56 11.50 -3.64
N LYS B 51 -8.40 12.04 -4.54
CA LYS B 51 -9.52 12.95 -4.17
C LYS B 51 -10.83 12.17 -3.93
N HIS B 52 -10.97 10.96 -4.48
CA HIS B 52 -12.19 10.11 -4.29
C HIS B 52 -11.80 8.74 -3.74
N PRO B 53 -11.51 8.64 -2.43
CA PRO B 53 -11.15 7.36 -1.81
C PRO B 53 -12.31 6.37 -1.84
N MET B 54 -11.98 5.08 -1.98
CA MET B 54 -12.96 4.03 -2.02
C MET B 54 -12.31 2.79 -1.42
N ASP B 55 -13.15 1.94 -0.82
CA ASP B 55 -12.69 0.73 -0.13
C ASP B 55 -13.88 -0.24 -0.03
N PHE B 56 -13.60 -1.52 0.17
CA PHE B 56 -14.62 -2.52 0.35
C PHE B 56 -15.60 -2.13 1.47
N GLY B 57 -15.07 -1.61 2.59
CA GLY B 57 -15.89 -1.18 3.75
C GLY B 57 -16.97 -0.18 3.35
N THR B 58 -16.56 0.86 2.63
CA THR B 58 -17.48 1.89 2.15
C THR B 58 -18.49 1.30 1.16
N MET B 59 -18.04 0.34 0.34
CA MET B 59 -18.93 -0.32 -0.64
C MET B 59 -19.99 -1.15 0.11
N LYS B 60 -19.57 -1.82 1.17
CA LYS B 60 -20.44 -2.64 2.00
C LYS B 60 -21.57 -1.78 2.59
N ASP B 61 -21.20 -0.60 3.10
CA ASP B 61 -22.15 0.29 3.76
C ASP B 61 -23.23 0.69 2.76
N LYS B 62 -22.80 0.93 1.51
CA LYS B 62 -23.69 1.37 0.46
C LYS B 62 -24.64 0.23 0.07
N ILE B 63 -24.19 -1.02 0.14
CA ILE B 63 -25.04 -2.16 -0.19
C ILE B 63 -26.17 -2.25 0.85
N VAL B 64 -25.77 -2.21 2.13
CA VAL B 64 -26.68 -2.23 3.26
C VAL B 64 -27.71 -1.10 3.12
N ALA B 65 -27.26 0.10 2.73
CA ALA B 65 -28.15 1.28 2.63
C ALA B 65 -28.95 1.26 1.31
N ASN B 66 -28.67 0.30 0.43
CA ASN B 66 -29.39 0.10 -0.84
C ASN B 66 -29.14 1.28 -1.80
N GLU B 67 -27.86 1.70 -1.90
CA GLU B 67 -27.49 2.90 -2.65
C GLU B 67 -27.05 2.53 -4.08
N TYR B 68 -26.84 1.24 -4.36
CA TYR B 68 -26.52 0.79 -5.72
C TYR B 68 -27.79 0.36 -6.44
N LYS B 69 -28.03 0.93 -7.64
CA LYS B 69 -29.24 0.64 -8.45
C LYS B 69 -28.96 -0.50 -9.44
N SER B 70 -27.68 -0.74 -9.74
CA SER B 70 -27.30 -1.66 -10.78
C SER B 70 -25.93 -2.26 -10.45
N VAL B 71 -25.55 -3.32 -11.18
CA VAL B 71 -24.20 -3.87 -11.10
C VAL B 71 -23.19 -2.83 -11.61
N THR B 72 -23.53 -2.17 -12.72
CA THR B 72 -22.75 -1.06 -13.30
C THR B 72 -22.21 -0.11 -12.22
N GLU B 73 -23.08 0.34 -11.32
CA GLU B 73 -22.70 1.37 -10.33
C GLU B 73 -21.74 0.79 -9.29
N PHE B 74 -21.92 -0.50 -8.98
CA PHE B 74 -21.08 -1.20 -8.03
C PHE B 74 -19.69 -1.38 -8.63
N LYS B 75 -19.65 -1.82 -9.90
CA LYS B 75 -18.44 -2.02 -10.67
C LYS B 75 -17.63 -0.71 -10.77
N ALA B 76 -18.31 0.42 -10.97
CA ALA B 76 -17.67 1.74 -11.01
C ALA B 76 -16.89 2.01 -9.71
N ASP B 77 -17.51 1.73 -8.55
CA ASP B 77 -16.87 1.94 -7.23
C ASP B 77 -15.67 0.99 -7.07
N PHE B 78 -15.82 -0.22 -7.60
CA PHE B 78 -14.77 -1.23 -7.55
C PHE B 78 -13.56 -0.77 -8.39
N LYS B 79 -13.87 -0.26 -9.60
CA LYS B 79 -12.85 0.24 -10.49
C LYS B 79 -12.11 1.41 -9.84
N LEU B 80 -12.86 2.34 -9.23
CA LEU B 80 -12.30 3.52 -8.59
C LEU B 80 -11.26 3.10 -7.54
N MET B 81 -11.60 2.09 -6.76
CA MET B 81 -10.74 1.54 -5.73
C MET B 81 -9.39 1.05 -6.29
N CYS B 82 -9.43 0.30 -7.41
CA CYS B 82 -8.22 -0.26 -7.99
C CYS B 82 -7.41 0.84 -8.68
N ASP B 83 -8.10 1.77 -9.34
CA ASP B 83 -7.45 2.87 -10.02
C ASP B 83 -6.76 3.78 -8.97
N ASN B 84 -7.38 3.96 -7.80
CA ASN B 84 -6.77 4.73 -6.72
C ASN B 84 -5.44 4.09 -6.33
N ALA B 85 -5.44 2.77 -6.16
CA ALA B 85 -4.25 2.04 -5.74
C ALA B 85 -3.13 2.15 -6.80
N MET B 86 -3.52 2.14 -8.08
CA MET B 86 -2.55 2.10 -9.20
C MET B 86 -2.10 3.51 -9.56
N THR B 87 -2.66 4.53 -8.89
CA THR B 87 -2.28 5.95 -9.07
C THR B 87 -1.30 6.35 -7.97
N TYR B 88 -1.67 6.05 -6.72
CA TYR B 88 -0.85 6.43 -5.57
C TYR B 88 0.42 5.57 -5.46
N ASN B 89 0.32 4.27 -5.75
CA ASN B 89 1.45 3.34 -5.54
C ASN B 89 2.25 3.16 -6.84
N ARG B 90 3.55 3.00 -6.70
CA ARG B 90 4.43 2.68 -7.81
C ARG B 90 4.17 1.24 -8.21
N PRO B 91 4.46 0.88 -9.49
CA PRO B 91 4.22 -0.48 -10.01
C PRO B 91 4.81 -1.64 -9.19
N ASP B 92 5.99 -1.46 -8.60
CA ASP B 92 6.73 -2.57 -8.01
C ASP B 92 6.08 -3.06 -6.70
N THR B 93 5.08 -2.34 -6.16
CA THR B 93 4.62 -2.52 -4.79
C THR B 93 3.54 -3.61 -4.69
N VAL B 94 3.31 -4.09 -3.46
CA VAL B 94 2.29 -5.08 -3.15
C VAL B 94 0.89 -4.52 -3.48
N TYR B 95 0.65 -3.23 -3.15
CA TYR B 95 -0.70 -2.64 -3.30
C TYR B 95 -1.04 -2.49 -4.79
N TYR B 96 -0.05 -2.09 -5.59
CA TYR B 96 -0.24 -1.95 -7.03
C TYR B 96 -0.56 -3.32 -7.65
N LYS B 97 0.19 -4.35 -7.27
CA LYS B 97 0.08 -5.68 -7.89
C LYS B 97 -1.25 -6.34 -7.50
N LEU B 98 -1.65 -6.17 -6.24
CA LEU B 98 -2.88 -6.77 -5.77
C LEU B 98 -4.10 -6.07 -6.40
N ALA B 99 -4.03 -4.76 -6.57
CA ALA B 99 -5.12 -3.98 -7.19
C ALA B 99 -5.34 -4.49 -8.63
N LYS B 100 -4.24 -4.74 -9.37
CA LYS B 100 -4.32 -5.22 -10.73
C LYS B 100 -5.00 -6.60 -10.79
N LYS B 101 -4.52 -7.51 -9.95
CA LYS B 101 -5.01 -8.87 -9.88
C LYS B 101 -6.53 -8.86 -9.58
N ILE B 102 -6.92 -8.16 -8.53
CA ILE B 102 -8.31 -7.98 -8.11
C ILE B 102 -9.16 -7.38 -9.24
N LEU B 103 -8.68 -6.29 -9.86
CA LEU B 103 -9.38 -5.63 -10.97
C LEU B 103 -9.75 -6.66 -12.03
N HIS B 104 -8.78 -7.46 -12.48
CA HIS B 104 -8.99 -8.43 -13.57
C HIS B 104 -9.99 -9.51 -13.17
N ALA B 105 -9.88 -10.00 -11.94
CA ALA B 105 -10.76 -11.04 -11.44
C ALA B 105 -12.18 -10.50 -11.24
N GLY B 106 -12.30 -9.24 -10.79
CA GLY B 106 -13.59 -8.58 -10.62
C GLY B 106 -14.31 -8.41 -11.95
N PHE B 107 -13.59 -7.94 -12.99
CA PHE B 107 -14.20 -7.67 -14.29
C PHE B 107 -14.55 -8.95 -15.02
N LYS B 108 -13.79 -10.02 -14.79
CA LYS B 108 -14.18 -11.36 -15.30
C LYS B 108 -15.48 -11.81 -14.61
N MET B 109 -15.49 -11.76 -13.28
CA MET B 109 -16.64 -12.24 -12.46
C MET B 109 -17.92 -11.47 -12.82
N MET B 110 -17.79 -10.16 -13.10
CA MET B 110 -18.95 -9.32 -13.32
C MET B 110 -19.00 -8.85 -14.79
N SER B 111 -18.60 -9.71 -15.73
CA SER B 111 -18.60 -9.34 -17.15
C SER B 111 -20.04 -9.28 -17.68
N LYS B 112 -20.19 -8.48 -18.74
CA LYS B 112 -21.40 -8.42 -19.55
C LYS B 112 -21.86 -9.84 -19.94
N GLU B 113 -20.90 -10.67 -20.33
CA GLU B 113 -21.08 -12.01 -20.91
C GLU B 113 -21.68 -12.98 -19.87
N ARG B 114 -21.16 -12.91 -18.64
CA ARG B 114 -21.60 -13.78 -17.57
C ARG B 114 -22.98 -13.32 -17.07
N LEU B 115 -23.20 -12.01 -16.97
CA LEU B 115 -24.46 -11.45 -16.54
C LEU B 115 -25.58 -11.82 -17.53
N LEU B 116 -25.24 -11.83 -18.83
CA LEU B 116 -26.20 -12.25 -19.85
C LEU B 116 -26.61 -13.74 -19.68
N ALA B 117 -25.63 -14.63 -19.44
CA ALA B 117 -25.92 -16.06 -19.25
C ALA B 117 -26.90 -16.24 -18.07
N LEU B 118 -26.66 -15.48 -16.99
CA LEU B 118 -27.52 -15.49 -15.82
C LEU B 118 -28.93 -15.03 -16.21
N LYS B 119 -29.03 -13.92 -16.95
CA LYS B 119 -30.31 -13.39 -17.45
C LYS B 119 -31.13 -14.53 -18.10
N ARG B 120 -30.47 -15.28 -18.98
CA ARG B 120 -31.13 -16.24 -19.89
C ARG B 120 -31.63 -17.48 -19.13
N SER B 121 -31.02 -17.79 -17.97
CA SER B 121 -31.31 -19.00 -17.23
C SER B 121 -32.39 -18.75 -16.16
N MET B 122 -32.73 -17.48 -15.92
CA MET B 122 -33.84 -17.13 -15.04
C MET B 122 -35.14 -17.03 -15.85
#